data_3BF8
#
_entry.id   3BF8
#
_cell.length_a   66.216
_cell.length_b   91.061
_cell.length_c   93.253
_cell.angle_alpha   90.00
_cell.angle_beta   90.00
_cell.angle_gamma   90.00
#
_symmetry.space_group_name_H-M   'P 21 21 21'
#
loop_
_entity.id
_entity.type
_entity.pdbx_description
1 polymer 'Esterase YbfF'
2 non-polymer 'MALONIC ACID'
3 water water
#
_entity_poly.entity_id   1
_entity_poly.type   'polypeptide(L)'
_entity_poly.pdbx_seq_one_letter_code
;MKLNIRAQTAQNQHNNSPIVLVHGLFGSLDNLGVLARDLVNDHNIIQVDVRNHGLSPREPVMNYPAMAQDLVDTLDAQQI
DKATFIGHSMGGKAVMALTALAPDRIDKLVAIDIAPVDYHVRRHDEIFAAINAVSESDAQTRQQAAAIMRQHLNEEGVIQ
FLLKSFVDGEWRFNVPVLWDQYPHIVGWEKIPAWDHPALFIPGGNSPYVSEQYRDDLLAQFPQARAHVIAGAGHWVHAEK
PDAVLRAIRRYLNDH
;
_entity_poly.pdbx_strand_id   A,B
#
loop_
_chem_comp.id
_chem_comp.type
_chem_comp.name
_chem_comp.formula
MLA non-polymer 'MALONIC ACID' 'C3 H4 O4'
#
# COMPACT_ATOMS: atom_id res chain seq x y z
N MET A 1 -16.14 27.69 1.32
CA MET A 1 -15.54 29.06 1.45
C MET A 1 -14.53 29.32 0.34
N LYS A 2 -14.02 30.55 0.30
CA LYS A 2 -13.05 30.94 -0.73
C LYS A 2 -11.71 30.26 -0.48
N LEU A 3 -11.11 29.74 -1.54
CA LEU A 3 -9.83 29.03 -1.42
C LEU A 3 -8.65 29.89 -1.84
N ASN A 4 -7.46 29.49 -1.40
CA ASN A 4 -6.24 30.18 -1.78
C ASN A 4 -6.00 29.78 -3.23
N ILE A 5 -5.70 30.73 -4.09
CA ILE A 5 -5.46 30.41 -5.49
C ILE A 5 -4.27 31.15 -6.10
N ARG A 6 -3.86 30.66 -7.25
CA ARG A 6 -2.77 31.24 -8.04
C ARG A 6 -3.40 31.35 -9.41
N ALA A 7 -3.60 32.58 -9.88
CA ALA A 7 -4.22 32.80 -11.18
C ALA A 7 -3.23 33.36 -12.19
N GLN A 8 -3.40 32.98 -13.46
CA GLN A 8 -2.53 33.47 -14.52
C GLN A 8 -3.34 33.66 -15.81
N THR A 9 -3.13 34.81 -16.45
CA THR A 9 -3.84 35.16 -17.68
C THR A 9 -3.27 34.42 -18.89
N ALA A 10 -4.16 33.98 -19.79
CA ALA A 10 -3.75 33.28 -20.99
C ALA A 10 -2.75 34.14 -21.76
N GLN A 11 -1.72 33.50 -22.30
CA GLN A 11 -0.69 34.22 -23.06
C GLN A 11 -1.24 34.64 -24.42
N ASN A 12 -2.35 34.01 -24.82
CA ASN A 12 -2.99 34.31 -26.10
C ASN A 12 -4.51 34.19 -25.90
N GLN A 13 -5.25 35.21 -26.34
CA GLN A 13 -6.70 35.20 -26.20
C GLN A 13 -7.33 34.32 -27.28
N HIS A 14 -8.07 33.29 -26.87
CA HIS A 14 -8.70 32.38 -27.81
C HIS A 14 -10.17 32.12 -27.56
N ASN A 15 -10.77 32.94 -26.69
CA ASN A 15 -12.18 32.80 -26.38
C ASN A 15 -12.50 31.43 -25.78
N ASN A 16 -11.64 30.95 -24.89
CA ASN A 16 -11.85 29.66 -24.23
C ASN A 16 -12.25 29.92 -22.78
N SER A 17 -12.99 28.98 -22.20
CA SER A 17 -13.41 29.10 -20.81
C SER A 17 -12.16 28.94 -19.94
N PRO A 18 -12.11 29.61 -18.79
CA PRO A 18 -10.93 29.47 -17.94
C PRO A 18 -10.85 28.03 -17.42
N ILE A 19 -9.67 27.63 -16.98
CA ILE A 19 -9.48 26.28 -16.45
C ILE A 19 -9.05 26.31 -14.99
N VAL A 20 -9.77 25.57 -14.17
CA VAL A 20 -9.47 25.48 -12.75
C VAL A 20 -8.85 24.10 -12.51
N LEU A 21 -7.66 24.08 -11.93
CA LEU A 21 -6.96 22.83 -11.63
C LEU A 21 -7.09 22.53 -10.14
N VAL A 22 -7.46 21.29 -9.82
CA VAL A 22 -7.67 20.89 -8.43
C VAL A 22 -6.86 19.65 -8.08
N HIS A 23 -5.91 19.80 -7.15
CA HIS A 23 -5.03 18.72 -6.72
C HIS A 23 -5.70 17.66 -5.84
N GLY A 24 -4.97 16.60 -5.54
CA GLY A 24 -5.49 15.52 -4.70
C GLY A 24 -4.99 15.53 -3.27
N LEU A 25 -5.35 14.49 -2.52
CA LEU A 25 -4.98 14.37 -1.12
C LEU A 25 -3.49 14.58 -0.84
N PHE A 26 -3.19 15.40 0.16
CA PHE A 26 -1.83 15.73 0.56
C PHE A 26 -1.10 16.60 -0.47
N GLY A 27 -1.80 17.06 -1.49
CA GLY A 27 -1.18 17.89 -2.50
C GLY A 27 -1.35 19.37 -2.20
N SER A 28 -1.03 20.19 -3.20
CA SER A 28 -1.14 21.64 -3.11
C SER A 28 -1.31 22.19 -4.52
N LEU A 29 -1.61 23.48 -4.63
CA LEU A 29 -1.84 24.09 -5.94
C LEU A 29 -0.69 23.95 -6.93
N ASP A 30 0.51 23.67 -6.44
CA ASP A 30 1.65 23.51 -7.34
C ASP A 30 1.66 22.16 -8.05
N ASN A 31 0.99 21.16 -7.48
CA ASN A 31 1.00 19.82 -8.05
C ASN A 31 0.55 19.66 -9.50
N LEU A 32 -0.45 20.43 -9.94
CA LEU A 32 -0.89 20.33 -11.32
C LEU A 32 -0.26 21.44 -12.15
N GLY A 33 0.80 22.04 -11.62
CA GLY A 33 1.48 23.11 -12.31
C GLY A 33 1.99 22.72 -13.69
N VAL A 34 2.42 21.46 -13.83
CA VAL A 34 2.93 20.98 -15.11
C VAL A 34 1.86 21.11 -16.20
N LEU A 35 0.60 20.97 -15.82
CA LEU A 35 -0.49 21.08 -16.77
C LEU A 35 -0.80 22.56 -17.01
N ALA A 36 -0.73 23.35 -15.95
CA ALA A 36 -0.99 24.78 -16.04
C ALA A 36 0.00 25.51 -16.93
N ARG A 37 1.27 25.10 -16.87
CA ARG A 37 2.30 25.75 -17.67
C ARG A 37 2.07 25.60 -19.17
N ASP A 38 1.35 24.56 -19.57
CA ASP A 38 1.06 24.35 -20.99
C ASP A 38 -0.29 24.96 -21.36
N LEU A 39 -1.31 24.74 -20.52
CA LEU A 39 -2.65 25.24 -20.80
C LEU A 39 -2.77 26.77 -20.75
N VAL A 40 -1.85 27.43 -20.06
CA VAL A 40 -1.89 28.88 -19.95
C VAL A 40 -1.56 29.55 -21.28
N ASN A 41 -1.01 28.79 -22.22
CA ASN A 41 -0.69 29.35 -23.53
C ASN A 41 -1.94 29.90 -24.18
N ASP A 42 -3.09 29.27 -23.89
CA ASP A 42 -4.35 29.70 -24.48
C ASP A 42 -5.58 29.69 -23.57
N HIS A 43 -5.36 29.62 -22.26
CA HIS A 43 -6.46 29.63 -21.30
C HIS A 43 -6.06 30.39 -20.05
N ASN A 44 -7.02 31.06 -19.42
CA ASN A 44 -6.74 31.72 -18.15
C ASN A 44 -6.72 30.52 -17.21
N ILE A 45 -5.75 30.47 -16.31
CA ILE A 45 -5.65 29.35 -15.37
C ILE A 45 -5.86 29.74 -13.92
N ILE A 46 -6.52 28.86 -13.18
CA ILE A 46 -6.74 29.08 -11.75
C ILE A 46 -6.32 27.81 -11.04
N GLN A 47 -5.26 27.91 -10.24
CA GLN A 47 -4.75 26.78 -9.48
C GLN A 47 -5.20 26.99 -8.04
N VAL A 48 -5.90 26.01 -7.48
CA VAL A 48 -6.39 26.16 -6.11
C VAL A 48 -5.78 25.21 -5.09
N ASP A 49 -5.83 25.64 -3.83
CA ASP A 49 -5.38 24.81 -2.72
C ASP A 49 -6.72 24.33 -2.16
N VAL A 50 -6.90 23.02 -2.08
CA VAL A 50 -8.14 22.47 -1.54
C VAL A 50 -8.16 22.81 -0.06
N ARG A 51 -9.35 22.87 0.54
CA ARG A 51 -9.43 23.18 1.97
C ARG A 51 -8.55 22.19 2.72
N ASN A 52 -7.93 22.66 3.80
CA ASN A 52 -7.06 21.84 4.63
C ASN A 52 -5.75 21.45 3.96
N HIS A 53 -5.43 22.11 2.85
CA HIS A 53 -4.20 21.87 2.11
C HIS A 53 -3.51 23.18 1.77
N GLY A 54 -2.20 23.11 1.51
CA GLY A 54 -1.45 24.31 1.15
C GLY A 54 -1.73 25.46 2.09
N LEU A 55 -2.02 26.63 1.53
CA LEU A 55 -2.31 27.80 2.36
C LEU A 55 -3.79 28.18 2.36
N SER A 56 -4.64 27.20 2.06
CA SER A 56 -6.08 27.45 2.08
C SER A 56 -6.54 27.32 3.53
N PRO A 57 -7.71 27.87 3.85
CA PRO A 57 -8.22 27.81 5.22
C PRO A 57 -8.43 26.38 5.72
N ARG A 58 -8.43 26.23 7.04
CA ARG A 58 -8.65 24.94 7.69
C ARG A 58 -10.10 24.86 8.16
N GLU A 59 -10.65 23.66 8.13
CA GLU A 59 -12.03 23.40 8.56
C GLU A 59 -12.11 21.94 8.96
N PRO A 60 -12.79 21.64 10.08
CA PRO A 60 -12.90 20.25 10.53
C PRO A 60 -13.73 19.39 9.59
N VAL A 61 -14.55 20.03 8.75
CA VAL A 61 -15.40 19.33 7.81
C VAL A 61 -14.70 19.02 6.49
N MET A 62 -14.84 17.78 6.03
CA MET A 62 -14.23 17.37 4.78
C MET A 62 -15.13 16.38 4.04
N ASN A 63 -15.93 16.89 3.11
CA ASN A 63 -16.82 16.04 2.32
C ASN A 63 -16.89 16.69 0.94
N TYR A 64 -17.33 15.94 -0.05
CA TYR A 64 -17.36 16.48 -1.40
C TYR A 64 -18.36 17.59 -1.68
N PRO A 65 -19.54 17.57 -1.07
CA PRO A 65 -20.43 18.69 -1.38
C PRO A 65 -19.76 19.99 -0.91
N ALA A 66 -19.09 19.92 0.24
CA ALA A 66 -18.41 21.06 0.82
C ALA A 66 -17.27 21.54 -0.09
N MET A 67 -16.47 20.59 -0.57
CA MET A 67 -15.36 20.91 -1.45
C MET A 67 -15.87 21.47 -2.77
N ALA A 68 -17.02 20.98 -3.22
CA ALA A 68 -17.59 21.47 -4.47
C ALA A 68 -18.04 22.92 -4.27
N GLN A 69 -18.66 23.19 -3.13
CA GLN A 69 -19.13 24.54 -2.85
C GLN A 69 -17.94 25.50 -2.77
N ASP A 70 -16.82 25.01 -2.24
CA ASP A 70 -15.62 25.82 -2.15
C ASP A 70 -15.24 26.31 -3.55
N LEU A 71 -15.39 25.42 -4.54
CA LEU A 71 -15.07 25.76 -5.92
C LEU A 71 -16.03 26.83 -6.40
N VAL A 72 -17.30 26.71 -6.04
CA VAL A 72 -18.29 27.71 -6.45
C VAL A 72 -17.97 29.05 -5.80
N ASP A 73 -17.66 29.03 -4.51
CA ASP A 73 -17.32 30.25 -3.78
C ASP A 73 -16.10 30.93 -4.39
N THR A 74 -15.16 30.12 -4.86
CA THR A 74 -13.94 30.63 -5.46
C THR A 74 -14.24 31.26 -6.81
N LEU A 75 -15.14 30.63 -7.58
CA LEU A 75 -15.51 31.18 -8.88
C LEU A 75 -16.24 32.50 -8.67
N ASP A 76 -17.14 32.54 -7.67
CA ASP A 76 -17.88 33.75 -7.37
C ASP A 76 -16.94 34.90 -7.01
N ALA A 77 -15.92 34.59 -6.21
CA ALA A 77 -14.95 35.59 -5.79
C ALA A 77 -14.17 36.16 -6.97
N GLN A 78 -13.95 35.34 -7.99
CA GLN A 78 -13.21 35.76 -9.17
C GLN A 78 -14.14 36.26 -10.27
N GLN A 79 -15.44 36.22 -10.00
CA GLN A 79 -16.44 36.65 -10.96
C GLN A 79 -16.35 35.87 -12.26
N ILE A 80 -16.31 34.54 -12.13
CA ILE A 80 -16.25 33.64 -13.28
C ILE A 80 -17.57 32.90 -13.36
N ASP A 81 -18.30 33.07 -14.46
CA ASP A 81 -19.59 32.42 -14.62
C ASP A 81 -19.48 30.90 -14.80
N LYS A 82 -18.58 30.48 -15.69
CA LYS A 82 -18.40 29.05 -15.95
C LYS A 82 -16.93 28.75 -16.22
N ALA A 83 -16.50 27.55 -15.87
CA ALA A 83 -15.12 27.16 -16.09
C ALA A 83 -14.95 25.67 -16.35
N THR A 84 -13.84 25.32 -16.98
CA THR A 84 -13.53 23.93 -17.25
C THR A 84 -12.73 23.49 -16.02
N PHE A 85 -13.04 22.31 -15.50
CA PHE A 85 -12.34 21.81 -14.31
C PHE A 85 -11.52 20.56 -14.57
N ILE A 86 -10.30 20.57 -14.06
CA ILE A 86 -9.40 19.42 -14.19
C ILE A 86 -8.97 19.06 -12.78
N GLY A 87 -9.32 17.85 -12.33
CA GLY A 87 -8.94 17.46 -10.99
C GLY A 87 -8.31 16.10 -10.88
N HIS A 88 -7.32 15.98 -10.01
CA HIS A 88 -6.64 14.71 -9.78
C HIS A 88 -7.10 14.07 -8.47
N SER A 89 -7.48 12.81 -8.56
CA SER A 89 -7.90 12.03 -7.39
C SER A 89 -8.95 12.77 -6.54
N MET A 90 -8.61 13.08 -5.29
CA MET A 90 -9.55 13.78 -4.41
C MET A 90 -10.09 15.04 -5.10
N GLY A 91 -9.23 15.74 -5.81
CA GLY A 91 -9.63 16.94 -6.53
C GLY A 91 -10.58 16.58 -7.66
N GLY A 92 -10.38 15.41 -8.24
CA GLY A 92 -11.26 14.95 -9.31
C GLY A 92 -12.62 14.65 -8.72
N LYS A 93 -12.64 14.12 -7.51
CA LYS A 93 -13.91 13.81 -6.85
C LYS A 93 -14.65 15.10 -6.50
N ALA A 94 -13.92 16.13 -6.13
CA ALA A 94 -14.55 17.41 -5.80
C ALA A 94 -15.19 17.98 -7.06
N VAL A 95 -14.47 17.87 -8.18
CA VAL A 95 -14.97 18.38 -9.45
C VAL A 95 -16.18 17.58 -9.93
N MET A 96 -16.15 16.27 -9.76
CA MET A 96 -17.30 15.47 -10.17
C MET A 96 -18.50 15.83 -9.31
N ALA A 97 -18.26 16.08 -8.02
CA ALA A 97 -19.33 16.46 -7.10
C ALA A 97 -19.94 17.79 -7.50
N LEU A 98 -19.13 18.66 -8.09
CA LEU A 98 -19.60 19.97 -8.51
C LEU A 98 -20.66 19.86 -9.62
N THR A 99 -20.60 18.80 -10.43
CA THR A 99 -21.58 18.65 -11.49
C THR A 99 -22.99 18.47 -10.94
N ALA A 100 -23.08 17.94 -9.72
CA ALA A 100 -24.37 17.73 -9.10
C ALA A 100 -24.82 18.99 -8.35
N LEU A 101 -23.87 19.71 -7.79
CA LEU A 101 -24.17 20.92 -7.02
C LEU A 101 -24.50 22.15 -7.86
N ALA A 102 -23.68 22.42 -8.87
CA ALA A 102 -23.88 23.59 -9.73
C ALA A 102 -23.38 23.29 -11.14
N PRO A 103 -24.13 22.46 -11.89
CA PRO A 103 -23.75 22.10 -13.26
C PRO A 103 -23.57 23.27 -14.22
N ASP A 104 -24.29 24.36 -13.98
CA ASP A 104 -24.19 25.51 -14.87
C ASP A 104 -22.87 26.27 -14.71
N ARG A 105 -22.10 25.92 -13.68
CA ARG A 105 -20.82 26.59 -13.46
C ARG A 105 -19.67 25.81 -14.08
N ILE A 106 -19.98 24.66 -14.68
CA ILE A 106 -18.97 23.82 -15.30
C ILE A 106 -19.11 23.71 -16.82
N ASP A 107 -18.00 23.82 -17.54
CA ASP A 107 -17.99 23.72 -18.98
C ASP A 107 -17.62 22.27 -19.30
N LYS A 108 -16.32 21.99 -19.30
CA LYS A 108 -15.82 20.65 -19.54
C LYS A 108 -15.20 20.12 -18.26
N LEU A 109 -15.00 18.81 -18.20
CA LEU A 109 -14.46 18.16 -17.01
C LEU A 109 -13.45 17.08 -17.30
N VAL A 110 -12.36 17.10 -16.54
CA VAL A 110 -11.30 16.11 -16.67
C VAL A 110 -11.01 15.56 -15.28
N ALA A 111 -11.06 14.24 -15.14
CA ALA A 111 -10.79 13.59 -13.87
C ALA A 111 -9.59 12.66 -14.06
N ILE A 112 -8.50 12.98 -13.38
CA ILE A 112 -7.28 12.20 -13.49
C ILE A 112 -7.16 11.10 -12.44
N ASP A 113 -7.00 9.88 -12.93
CA ASP A 113 -6.88 8.64 -12.14
C ASP A 113 -7.78 8.60 -10.92
N ILE A 114 -9.08 8.63 -11.17
CA ILE A 114 -10.05 8.62 -10.09
C ILE A 114 -11.42 8.20 -10.64
N ALA A 115 -12.21 7.54 -9.79
CA ALA A 115 -13.55 7.11 -10.18
C ALA A 115 -14.51 7.61 -9.10
N PRO A 116 -15.77 7.89 -9.47
CA PRO A 116 -16.75 8.36 -8.49
C PRO A 116 -17.30 7.19 -7.69
N VAL A 117 -16.45 6.62 -6.83
CA VAL A 117 -16.82 5.47 -6.02
C VAL A 117 -16.16 5.51 -4.65
N ASP A 118 -16.72 4.75 -3.71
CA ASP A 118 -16.17 4.64 -2.37
C ASP A 118 -15.25 3.42 -2.49
N TYR A 119 -13.94 3.62 -2.34
CA TYR A 119 -12.99 2.53 -2.47
C TYR A 119 -12.99 1.53 -1.31
N HIS A 120 -13.62 1.90 -0.20
CA HIS A 120 -13.73 1.03 0.96
C HIS A 120 -12.43 0.37 1.44
N VAL A 121 -11.34 1.11 1.44
CA VAL A 121 -10.04 0.58 1.88
C VAL A 121 -9.21 1.70 2.48
N ARG A 122 -8.18 1.32 3.24
CA ARG A 122 -7.27 2.30 3.80
C ARG A 122 -6.01 2.11 2.97
N ARG A 123 -5.59 3.16 2.28
CA ARG A 123 -4.40 3.10 1.42
C ARG A 123 -3.33 4.10 1.79
N HIS A 124 -3.49 4.78 2.93
CA HIS A 124 -2.50 5.78 3.32
C HIS A 124 -2.00 5.67 4.74
N ASP A 125 -2.18 4.51 5.37
CA ASP A 125 -1.73 4.36 6.75
C ASP A 125 -0.24 4.56 6.96
N GLU A 126 0.58 4.04 6.05
CA GLU A 126 2.03 4.18 6.17
C GLU A 126 2.45 5.62 5.89
N ILE A 127 1.72 6.30 5.01
CA ILE A 127 1.99 7.70 4.69
C ILE A 127 1.71 8.55 5.93
N PHE A 128 0.57 8.28 6.58
CA PHE A 128 0.23 9.01 7.80
C PHE A 128 1.27 8.74 8.87
N ALA A 129 1.76 7.50 8.93
CA ALA A 129 2.77 7.11 9.91
C ALA A 129 4.06 7.87 9.66
N ALA A 130 4.41 8.02 8.39
CA ALA A 130 5.62 8.75 8.02
C ALA A 130 5.46 10.21 8.38
N ILE A 131 4.32 10.79 8.00
CA ILE A 131 4.04 12.19 8.28
C ILE A 131 4.14 12.46 9.78
N ASN A 132 3.57 11.57 10.59
CA ASN A 132 3.60 11.73 12.04
C ASN A 132 5.01 11.57 12.60
N ALA A 133 5.79 10.67 12.01
CA ALA A 133 7.16 10.44 12.45
C ALA A 133 7.99 11.70 12.28
N VAL A 134 7.78 12.38 11.15
CA VAL A 134 8.51 13.61 10.87
C VAL A 134 8.15 14.66 11.92
N SER A 135 6.86 14.82 12.17
CA SER A 135 6.38 15.79 13.16
C SER A 135 6.94 15.54 14.54
N GLU A 136 7.07 14.27 14.91
CA GLU A 136 7.59 13.90 16.22
C GLU A 136 9.09 14.10 16.36
N SER A 137 9.82 13.98 15.24
CA SER A 137 11.27 14.14 15.25
C SER A 137 11.64 15.61 15.36
N ASP A 138 12.93 15.90 15.19
CA ASP A 138 13.42 17.27 15.27
C ASP A 138 13.71 17.82 13.87
N ALA A 139 13.31 17.06 12.85
CA ALA A 139 13.54 17.44 11.46
C ALA A 139 12.98 18.84 11.16
N GLN A 140 13.78 19.64 10.48
CA GLN A 140 13.38 21.00 10.11
C GLN A 140 13.47 21.22 8.59
N THR A 141 14.43 20.56 7.96
CA THR A 141 14.62 20.68 6.51
C THR A 141 14.00 19.49 5.77
N ARG A 142 13.82 19.64 4.47
CA ARG A 142 13.25 18.56 3.66
C ARG A 142 14.13 17.33 3.67
N GLN A 143 15.45 17.53 3.61
CA GLN A 143 16.38 16.41 3.62
C GLN A 143 16.24 15.60 4.91
N GLN A 144 16.20 16.29 6.04
CA GLN A 144 16.06 15.63 7.32
C GLN A 144 14.74 14.87 7.38
N ALA A 145 13.69 15.50 6.86
CA ALA A 145 12.37 14.88 6.85
C ALA A 145 12.37 13.66 5.95
N ALA A 146 13.01 13.77 4.79
CA ALA A 146 13.07 12.67 3.83
C ALA A 146 13.71 11.44 4.46
N ALA A 147 14.78 11.64 5.22
CA ALA A 147 15.49 10.55 5.87
C ALA A 147 14.55 9.72 6.75
N ILE A 148 13.69 10.41 7.50
CA ILE A 148 12.73 9.74 8.38
C ILE A 148 11.65 9.05 7.57
N MET A 149 11.16 9.72 6.53
CA MET A 149 10.11 9.16 5.70
C MET A 149 10.55 7.89 4.96
N ARG A 150 11.82 7.81 4.60
CA ARG A 150 12.32 6.64 3.88
C ARG A 150 12.33 5.40 4.77
N GLN A 151 12.14 5.61 6.07
CA GLN A 151 12.11 4.51 7.03
C GLN A 151 10.70 3.91 7.04
N HIS A 152 9.76 4.61 6.41
CA HIS A 152 8.37 4.17 6.35
C HIS A 152 7.92 3.87 4.93
N LEU A 153 8.42 4.65 3.97
CA LEU A 153 8.02 4.49 2.58
C LEU A 153 9.22 4.18 1.69
N ASN A 154 8.99 3.41 0.63
CA ASN A 154 10.08 3.08 -0.28
C ASN A 154 9.81 3.57 -1.70
N GLU A 155 8.85 4.49 -1.83
CA GLU A 155 8.51 5.07 -3.12
C GLU A 155 9.01 6.51 -3.06
N GLU A 156 10.23 6.74 -3.55
CA GLU A 156 10.84 8.06 -3.51
C GLU A 156 9.94 9.16 -4.09
N GLY A 157 9.22 8.85 -5.15
CA GLY A 157 8.34 9.83 -5.77
C GLY A 157 7.27 10.32 -4.82
N VAL A 158 6.71 9.41 -4.03
CA VAL A 158 5.67 9.77 -3.08
C VAL A 158 6.27 10.63 -1.97
N ILE A 159 7.46 10.26 -1.53
CA ILE A 159 8.14 11.01 -0.49
C ILE A 159 8.36 12.46 -0.93
N GLN A 160 8.89 12.64 -2.13
CA GLN A 160 9.14 13.99 -2.65
C GLN A 160 7.87 14.79 -2.85
N PHE A 161 6.79 14.11 -3.26
CA PHE A 161 5.50 14.77 -3.46
C PHE A 161 5.02 15.33 -2.13
N LEU A 162 5.05 14.49 -1.09
CA LEU A 162 4.61 14.92 0.24
C LEU A 162 5.47 16.05 0.79
N LEU A 163 6.78 15.98 0.54
CA LEU A 163 7.70 17.00 1.04
C LEU A 163 7.48 18.39 0.45
N LYS A 164 6.74 18.47 -0.65
CA LYS A 164 6.47 19.79 -1.24
C LYS A 164 5.66 20.59 -0.22
N SER A 165 4.94 19.86 0.63
CA SER A 165 4.11 20.47 1.67
C SER A 165 4.79 20.58 3.03
N PHE A 166 6.09 20.31 3.07
CA PHE A 166 6.84 20.43 4.32
C PHE A 166 7.64 21.71 4.23
N VAL A 167 7.17 22.74 4.94
CA VAL A 167 7.83 24.05 4.94
C VAL A 167 8.02 24.55 6.37
N ASP A 168 9.20 25.10 6.64
CA ASP A 168 9.52 25.62 7.97
C ASP A 168 9.25 24.59 9.05
N GLY A 169 9.60 23.34 8.79
CA GLY A 169 9.40 22.28 9.77
C GLY A 169 7.94 22.00 10.10
N GLU A 170 7.04 22.38 9.19
CA GLU A 170 5.62 22.19 9.41
C GLU A 170 4.93 21.68 8.14
N TRP A 171 3.93 20.82 8.31
CA TRP A 171 3.18 20.31 7.17
C TRP A 171 2.14 21.35 6.78
N ARG A 172 2.01 21.61 5.48
CA ARG A 172 1.03 22.59 5.02
C ARG A 172 -0.40 22.06 5.14
N PHE A 173 -0.58 20.76 4.99
CA PHE A 173 -1.93 20.20 5.11
C PHE A 173 -2.31 19.91 6.57
N ASN A 174 -3.62 19.90 6.82
CA ASN A 174 -4.17 19.69 8.16
C ASN A 174 -4.23 18.20 8.48
N VAL A 175 -3.13 17.65 8.99
CA VAL A 175 -3.06 16.22 9.29
C VAL A 175 -4.19 15.66 10.16
N PRO A 176 -4.45 16.27 11.32
CA PRO A 176 -5.52 15.77 12.19
C PRO A 176 -6.86 15.61 11.49
N VAL A 177 -7.22 16.61 10.69
CA VAL A 177 -8.49 16.59 9.96
C VAL A 177 -8.48 15.57 8.82
N LEU A 178 -7.37 15.49 8.10
CA LEU A 178 -7.28 14.53 7.00
C LEU A 178 -7.42 13.11 7.54
N TRP A 179 -6.83 12.85 8.70
CA TRP A 179 -6.92 11.53 9.31
C TRP A 179 -8.36 11.28 9.77
N ASP A 180 -8.92 12.23 10.51
CA ASP A 180 -10.29 12.09 11.02
C ASP A 180 -11.33 11.90 9.93
N GLN A 181 -11.19 12.67 8.84
CA GLN A 181 -12.14 12.62 7.74
C GLN A 181 -11.77 11.65 6.62
N TYR A 182 -10.69 10.92 6.79
CA TYR A 182 -10.22 9.99 5.76
C TYR A 182 -11.31 9.12 5.11
N PRO A 183 -12.17 8.48 5.90
CA PRO A 183 -13.23 7.64 5.30
C PRO A 183 -14.09 8.38 4.28
N HIS A 184 -14.30 9.67 4.50
CA HIS A 184 -15.11 10.48 3.60
C HIS A 184 -14.36 10.86 2.35
N ILE A 185 -13.04 10.98 2.47
CA ILE A 185 -12.19 11.33 1.33
C ILE A 185 -12.04 10.17 0.36
N VAL A 186 -11.79 8.97 0.88
CA VAL A 186 -11.66 7.78 0.04
C VAL A 186 -13.07 7.31 -0.32
N GLY A 187 -14.04 7.82 0.43
CA GLY A 187 -15.43 7.48 0.21
C GLY A 187 -16.06 8.29 -0.91
N TRP A 188 -17.38 8.22 -1.02
CA TRP A 188 -18.08 8.93 -2.07
C TRP A 188 -19.57 9.01 -1.82
N GLU A 189 -20.19 10.05 -2.37
CA GLU A 189 -21.63 10.25 -2.27
C GLU A 189 -22.15 10.18 -3.70
N LYS A 190 -22.93 9.15 -4.01
CA LYS A 190 -23.45 9.01 -5.37
C LYS A 190 -24.19 10.27 -5.85
N ILE A 191 -23.94 10.63 -7.11
CA ILE A 191 -24.55 11.82 -7.70
C ILE A 191 -25.41 11.47 -8.91
N PRO A 192 -26.30 12.39 -9.31
CA PRO A 192 -27.17 12.17 -10.47
C PRO A 192 -26.29 12.16 -11.72
N ALA A 193 -26.80 11.59 -12.80
CA ALA A 193 -26.04 11.53 -14.04
C ALA A 193 -25.79 12.93 -14.60
N TRP A 194 -24.59 13.14 -15.13
CA TRP A 194 -24.22 14.41 -15.76
C TRP A 194 -24.18 14.07 -17.23
N ASP A 195 -25.19 14.52 -17.98
CA ASP A 195 -25.28 14.21 -19.40
C ASP A 195 -24.44 15.09 -20.31
N HIS A 196 -23.12 15.05 -20.10
CA HIS A 196 -22.18 15.83 -20.90
C HIS A 196 -20.87 15.07 -21.03
N PRO A 197 -20.15 15.26 -22.14
CA PRO A 197 -18.86 14.57 -22.31
C PRO A 197 -17.91 14.88 -21.16
N ALA A 198 -17.29 13.85 -20.62
CA ALA A 198 -16.34 14.00 -19.52
C ALA A 198 -15.13 13.11 -19.77
N LEU A 199 -13.94 13.65 -19.57
CA LEU A 199 -12.71 12.90 -19.80
C LEU A 199 -12.09 12.32 -18.52
N PHE A 200 -11.85 11.02 -18.54
CA PHE A 200 -11.21 10.34 -17.42
C PHE A 200 -9.85 9.86 -17.91
N ILE A 201 -8.80 10.17 -17.16
CA ILE A 201 -7.45 9.78 -17.53
C ILE A 201 -6.83 8.87 -16.47
N PRO A 202 -7.03 7.55 -16.62
CA PRO A 202 -6.49 6.58 -15.67
C PRO A 202 -5.03 6.24 -15.93
N GLY A 203 -4.33 5.81 -14.88
CA GLY A 203 -2.96 5.39 -15.04
C GLY A 203 -3.01 3.89 -15.32
N GLY A 204 -2.26 3.45 -16.33
CA GLY A 204 -2.25 2.05 -16.68
C GLY A 204 -1.78 1.12 -15.58
N ASN A 205 -0.99 1.65 -14.64
CA ASN A 205 -0.48 0.83 -13.54
C ASN A 205 -1.13 1.22 -12.22
N SER A 206 -2.38 1.69 -12.30
CA SER A 206 -3.12 2.08 -11.11
C SER A 206 -4.48 1.40 -11.07
N PRO A 207 -4.97 1.08 -9.86
CA PRO A 207 -6.27 0.42 -9.68
C PRO A 207 -7.43 1.39 -9.44
N TYR A 208 -7.16 2.69 -9.48
CA TYR A 208 -8.21 3.67 -9.24
C TYR A 208 -9.37 3.68 -10.23
N VAL A 209 -9.12 3.33 -11.47
CA VAL A 209 -10.19 3.33 -12.48
C VAL A 209 -10.31 1.99 -13.21
N SER A 210 -10.21 0.90 -12.46
CA SER A 210 -10.32 -0.43 -13.04
C SER A 210 -11.77 -0.80 -13.35
N GLU A 211 -11.92 -1.90 -14.08
CA GLU A 211 -13.22 -2.41 -14.51
C GLU A 211 -14.31 -2.55 -13.45
N GLN A 212 -13.94 -2.88 -12.21
CA GLN A 212 -14.97 -3.05 -11.19
C GLN A 212 -15.71 -1.77 -10.80
N TYR A 213 -15.21 -0.62 -11.28
CA TYR A 213 -15.85 0.66 -10.96
C TYR A 213 -16.54 1.23 -12.19
N ARG A 214 -16.45 0.52 -13.31
CA ARG A 214 -17.05 1.00 -14.55
C ARG A 214 -18.56 1.23 -14.52
N ASP A 215 -19.31 0.30 -13.93
CA ASP A 215 -20.76 0.45 -13.86
C ASP A 215 -21.15 1.74 -13.13
N ASP A 216 -20.58 1.95 -11.95
CA ASP A 216 -20.88 3.14 -11.16
C ASP A 216 -20.39 4.41 -11.85
N LEU A 217 -19.26 4.32 -12.53
CA LEU A 217 -18.71 5.47 -13.21
C LEU A 217 -19.66 5.94 -14.31
N LEU A 218 -20.10 5.01 -15.15
CA LEU A 218 -21.00 5.32 -16.24
C LEU A 218 -22.40 5.73 -15.77
N ALA A 219 -22.81 5.24 -14.61
CA ALA A 219 -24.12 5.57 -14.08
C ALA A 219 -24.16 7.05 -13.71
N GLN A 220 -23.01 7.61 -13.35
CA GLN A 220 -22.92 9.02 -12.98
C GLN A 220 -22.40 9.90 -14.11
N PHE A 221 -21.60 9.31 -14.99
CA PHE A 221 -21.05 10.03 -16.14
C PHE A 221 -21.29 9.18 -17.38
N PRO A 222 -22.54 9.15 -17.85
CA PRO A 222 -22.93 8.36 -19.02
C PRO A 222 -22.08 8.58 -20.27
N GLN A 223 -21.63 9.81 -20.49
CA GLN A 223 -20.80 10.12 -21.65
C GLN A 223 -19.32 10.20 -21.32
N ALA A 224 -18.91 9.42 -20.33
CA ALA A 224 -17.52 9.38 -19.92
C ALA A 224 -16.66 8.81 -21.04
N ARG A 225 -15.49 9.40 -21.24
CA ARG A 225 -14.53 8.96 -22.24
C ARG A 225 -13.25 8.66 -21.44
N ALA A 226 -12.62 7.52 -21.70
CA ALA A 226 -11.42 7.17 -20.95
C ALA A 226 -10.19 7.10 -21.84
N HIS A 227 -9.08 7.62 -21.32
CA HIS A 227 -7.82 7.58 -22.04
C HIS A 227 -6.77 7.10 -21.06
N VAL A 228 -6.52 5.80 -21.07
CA VAL A 228 -5.56 5.19 -20.16
C VAL A 228 -4.13 5.48 -20.61
N ILE A 229 -3.29 5.93 -19.68
CA ILE A 229 -1.90 6.23 -19.98
C ILE A 229 -1.07 5.03 -19.57
N ALA A 230 -0.55 4.30 -20.55
CA ALA A 230 0.25 3.11 -20.26
C ALA A 230 1.51 3.41 -19.48
N GLY A 231 1.85 2.51 -18.55
CA GLY A 231 3.05 2.66 -17.75
C GLY A 231 3.05 3.81 -16.76
N ALA A 232 1.86 4.24 -16.33
CA ALA A 232 1.78 5.34 -15.38
C ALA A 232 1.04 4.95 -14.11
N GLY A 233 1.51 5.46 -12.98
CA GLY A 233 0.89 5.19 -11.70
C GLY A 233 -0.21 6.21 -11.40
N HIS A 234 -0.57 6.32 -10.13
CA HIS A 234 -1.64 7.23 -9.71
C HIS A 234 -1.42 8.71 -10.03
N TRP A 235 -0.20 9.20 -9.89
CA TRP A 235 0.09 10.60 -10.21
C TRP A 235 0.51 10.66 -11.68
N VAL A 236 -0.43 10.32 -12.55
CA VAL A 236 -0.20 10.27 -14.00
C VAL A 236 0.45 11.51 -14.58
N HIS A 237 -0.02 12.68 -14.16
CA HIS A 237 0.52 13.94 -14.67
C HIS A 237 1.98 14.18 -14.28
N ALA A 238 2.41 13.55 -13.20
CA ALA A 238 3.80 13.71 -12.75
C ALA A 238 4.74 12.81 -13.57
N GLU A 239 4.23 11.67 -13.99
CA GLU A 239 5.03 10.71 -14.75
C GLU A 239 5.01 10.91 -16.27
N LYS A 240 3.82 11.10 -16.82
CA LYS A 240 3.64 11.30 -18.25
C LYS A 240 2.84 12.56 -18.55
N PRO A 241 3.36 13.73 -18.18
CA PRO A 241 2.62 14.97 -18.44
C PRO A 241 2.27 15.21 -19.91
N ASP A 242 3.17 14.86 -20.82
CA ASP A 242 2.91 15.06 -22.25
C ASP A 242 1.72 14.23 -22.70
N ALA A 243 1.70 12.96 -22.30
CA ALA A 243 0.61 12.08 -22.66
C ALA A 243 -0.70 12.61 -22.10
N VAL A 244 -0.67 13.11 -20.86
CA VAL A 244 -1.86 13.64 -20.22
C VAL A 244 -2.34 14.89 -20.97
N LEU A 245 -1.41 15.76 -21.34
CA LEU A 245 -1.78 16.97 -22.06
C LEU A 245 -2.35 16.68 -23.44
N ARG A 246 -1.81 15.67 -24.12
CA ARG A 246 -2.33 15.32 -25.44
C ARG A 246 -3.79 14.89 -25.32
N ALA A 247 -4.10 14.12 -24.29
CA ALA A 247 -5.45 13.64 -24.05
C ALA A 247 -6.34 14.83 -23.70
N ILE A 248 -5.86 15.68 -22.81
CA ILE A 248 -6.64 16.84 -22.41
C ILE A 248 -7.00 17.75 -23.59
N ARG A 249 -6.01 18.10 -24.41
CA ARG A 249 -6.28 18.97 -25.54
C ARG A 249 -7.17 18.36 -26.61
N ARG A 250 -7.07 17.05 -26.81
CA ARG A 250 -7.92 16.40 -27.81
C ARG A 250 -9.38 16.58 -27.36
N TYR A 251 -9.61 16.42 -26.07
CA TYR A 251 -10.93 16.56 -25.48
C TYR A 251 -11.41 18.01 -25.52
N LEU A 252 -10.53 18.95 -25.19
CA LEU A 252 -10.89 20.36 -25.20
C LEU A 252 -11.17 20.89 -26.60
N ASN A 253 -10.41 20.43 -27.59
CA ASN A 253 -10.62 20.89 -28.97
C ASN A 253 -11.94 20.31 -29.50
N ASP A 254 -12.36 19.19 -28.91
CA ASP A 254 -13.59 18.51 -29.28
C ASP A 254 -13.89 18.51 -30.78
N HIS A 255 -12.95 18.01 -31.57
CA HIS A 255 -13.15 17.95 -33.02
C HIS A 255 -13.98 16.75 -33.42
N MET B 1 -2.14 -26.60 17.99
CA MET B 1 -2.58 -27.65 17.02
C MET B 1 -1.40 -28.19 16.24
N LYS B 2 -1.51 -29.44 15.81
CA LYS B 2 -0.47 -30.08 15.01
C LYS B 2 -0.69 -29.55 13.59
N LEU B 3 0.40 -29.12 12.95
CA LEU B 3 0.31 -28.55 11.61
C LEU B 3 0.57 -29.54 10.50
N ASN B 4 0.11 -29.19 9.30
CA ASN B 4 0.37 -30.00 8.13
C ASN B 4 1.82 -29.69 7.82
N ILE B 5 2.60 -30.73 7.52
CA ILE B 5 4.01 -30.50 7.22
C ILE B 5 4.52 -31.35 6.07
N ARG B 6 5.74 -31.02 5.65
CA ARG B 6 6.44 -31.73 4.60
C ARG B 6 7.85 -31.83 5.14
N ALA B 7 8.27 -33.05 5.46
CA ALA B 7 9.60 -33.27 6.01
C ALA B 7 10.52 -33.97 5.03
N GLN B 8 11.79 -33.57 5.03
CA GLN B 8 12.79 -34.17 4.14
C GLN B 8 14.02 -34.50 4.96
N THR B 9 14.61 -35.66 4.69
CA THR B 9 15.80 -36.09 5.40
C THR B 9 17.05 -35.50 4.76
N ALA B 10 18.00 -35.08 5.59
CA ALA B 10 19.24 -34.50 5.10
C ALA B 10 19.90 -35.48 4.14
N GLN B 11 20.45 -34.95 3.04
CA GLN B 11 21.11 -35.78 2.05
C GLN B 11 22.42 -36.33 2.62
N ASN B 12 22.99 -35.60 3.57
CA ASN B 12 24.23 -36.01 4.22
C ASN B 12 24.15 -35.69 5.71
N GLN B 13 24.70 -36.57 6.53
CA GLN B 13 24.67 -36.36 7.98
C GLN B 13 25.81 -35.49 8.46
N HIS B 14 25.47 -34.39 9.14
CA HIS B 14 26.49 -33.47 9.65
C HIS B 14 26.20 -33.08 11.09
N ASN B 15 25.38 -33.89 11.76
CA ASN B 15 25.04 -33.66 13.16
C ASN B 15 24.45 -32.29 13.45
N ASN B 16 23.64 -31.77 12.51
CA ASN B 16 23.02 -30.47 12.69
C ASN B 16 21.58 -30.65 13.19
N SER B 17 21.07 -29.65 13.91
CA SER B 17 19.70 -29.70 14.40
C SER B 17 18.80 -29.54 13.17
N PRO B 18 17.58 -30.10 13.21
CA PRO B 18 16.70 -29.96 12.05
C PRO B 18 16.28 -28.51 11.88
N ILE B 19 15.91 -28.14 10.66
CA ILE B 19 15.46 -26.78 10.36
C ILE B 19 13.98 -26.75 10.05
N VAL B 20 13.24 -25.91 10.76
CA VAL B 20 11.80 -25.75 10.55
C VAL B 20 11.61 -24.41 9.83
N LEU B 21 10.93 -24.45 8.68
CA LEU B 21 10.67 -23.26 7.88
C LEU B 21 9.23 -22.84 8.05
N VAL B 22 9.01 -21.56 8.35
CA VAL B 22 7.67 -21.02 8.58
C VAL B 22 7.38 -19.80 7.70
N HIS B 23 6.42 -19.96 6.79
CA HIS B 23 6.04 -18.92 5.85
C HIS B 23 5.24 -17.77 6.47
N GLY B 24 4.92 -16.77 5.66
CA GLY B 24 4.18 -15.62 6.15
C GLY B 24 2.71 -15.56 5.76
N LEU B 25 2.08 -14.43 6.06
CA LEU B 25 0.66 -14.24 5.76
C LEU B 25 0.33 -14.50 4.30
N PHE B 26 -0.75 -15.25 4.08
CA PHE B 26 -1.22 -15.64 2.74
C PHE B 26 -0.30 -16.62 2.04
N GLY B 27 0.71 -17.13 2.76
CA GLY B 27 1.64 -18.08 2.16
C GLY B 27 1.27 -19.52 2.45
N SER B 28 2.18 -20.43 2.12
CA SER B 28 2.00 -21.86 2.33
C SER B 28 3.39 -22.47 2.47
N LEU B 29 3.46 -23.75 2.84
CA LEU B 29 4.75 -24.40 3.05
C LEU B 29 5.68 -24.39 1.84
N ASP B 30 5.13 -24.18 0.65
CA ASP B 30 5.96 -24.14 -0.56
C ASP B 30 6.76 -22.84 -0.69
N ASN B 31 6.31 -21.78 -0.03
CA ASN B 31 6.98 -20.49 -0.16
C ASN B 31 8.45 -20.40 0.22
N LEU B 32 8.88 -21.19 1.21
CA LEU B 32 10.28 -21.17 1.62
C LEU B 32 11.00 -22.38 1.05
N GLY B 33 10.36 -23.00 0.06
CA GLY B 33 10.93 -24.18 -0.58
C GLY B 33 12.29 -23.94 -1.19
N VAL B 34 12.53 -22.72 -1.69
CA VAL B 34 13.82 -22.40 -2.30
C VAL B 34 14.96 -22.51 -1.27
N LEU B 35 14.65 -22.21 -0.01
CA LEU B 35 15.66 -22.29 1.05
C LEU B 35 15.82 -23.76 1.44
N ALA B 36 14.69 -24.47 1.49
CA ALA B 36 14.69 -25.88 1.84
C ALA B 36 15.48 -26.75 0.85
N ARG B 37 15.38 -26.43 -0.43
CA ARG B 37 16.08 -27.19 -1.46
C ARG B 37 17.60 -27.13 -1.30
N ASP B 38 18.10 -26.05 -0.70
CA ASP B 38 19.53 -25.91 -0.48
C ASP B 38 19.95 -26.44 0.88
N LEU B 39 19.18 -26.10 1.91
CA LEU B 39 19.51 -26.51 3.27
C LEU B 39 19.38 -28.01 3.54
N VAL B 40 18.56 -28.70 2.76
CA VAL B 40 18.36 -30.14 2.94
C VAL B 40 19.63 -30.95 2.65
N ASN B 41 20.59 -30.30 2.01
CA ASN B 41 21.85 -30.97 1.68
C ASN B 41 22.51 -31.49 2.95
N ASP B 42 22.43 -30.69 4.03
CA ASP B 42 23.04 -31.08 5.29
C ASP B 42 22.17 -30.90 6.53
N HIS B 43 20.86 -30.75 6.35
CA HIS B 43 19.95 -30.60 7.48
C HIS B 43 18.63 -31.31 7.22
N ASN B 44 18.03 -31.87 8.27
CA ASN B 44 16.71 -32.47 8.13
C ASN B 44 15.83 -31.23 8.02
N ILE B 45 14.86 -31.26 7.12
CA ILE B 45 13.98 -30.11 6.90
C ILE B 45 12.51 -30.37 7.21
N ILE B 46 11.85 -29.38 7.80
CA ILE B 46 10.43 -29.46 8.11
C ILE B 46 9.76 -28.18 7.63
N GLN B 47 8.93 -28.29 6.60
CA GLN B 47 8.20 -27.15 6.04
C GLN B 47 6.77 -27.24 6.57
N VAL B 48 6.32 -26.22 7.28
CA VAL B 48 4.97 -26.25 7.82
C VAL B 48 4.00 -25.28 7.16
N ASP B 49 2.72 -25.62 7.24
CA ASP B 49 1.67 -24.75 6.76
C ASP B 49 1.20 -24.12 8.07
N VAL B 50 1.23 -22.80 8.17
CA VAL B 50 0.78 -22.15 9.39
C VAL B 50 -0.73 -22.37 9.52
N ARG B 51 -1.24 -22.32 10.75
CA ARG B 51 -2.68 -22.52 10.95
C ARG B 51 -3.43 -21.57 10.01
N ASN B 52 -4.56 -22.04 9.50
CA ASN B 52 -5.39 -21.24 8.60
C ASN B 52 -4.74 -20.98 7.23
N HIS B 53 -3.67 -21.71 6.92
CA HIS B 53 -2.99 -21.56 5.64
C HIS B 53 -2.78 -22.93 5.02
N GLY B 54 -2.60 -22.97 3.71
CA GLY B 54 -2.37 -24.23 3.02
C GLY B 54 -3.37 -25.30 3.41
N LEU B 55 -2.88 -26.47 3.79
CA LEU B 55 -3.77 -27.56 4.17
C LEU B 55 -3.70 -27.85 5.67
N SER B 56 -3.31 -26.85 6.45
CA SER B 56 -3.27 -27.01 7.91
C SER B 56 -4.68 -26.73 8.42
N PRO B 57 -4.97 -27.13 9.65
CA PRO B 57 -6.31 -26.90 10.23
C PRO B 57 -6.69 -25.43 10.36
N ARG B 58 -7.99 -25.17 10.46
CA ARG B 58 -8.50 -23.82 10.64
C ARG B 58 -8.78 -23.59 12.12
N GLU B 59 -8.63 -22.34 12.57
CA GLU B 59 -8.86 -21.96 13.96
C GLU B 59 -9.16 -20.47 13.96
N PRO B 60 -10.19 -20.04 14.71
CA PRO B 60 -10.54 -18.62 14.76
C PRO B 60 -9.47 -17.68 15.32
N VAL B 61 -8.58 -18.19 16.16
CA VAL B 61 -7.53 -17.38 16.78
C VAL B 61 -6.25 -17.29 15.96
N MET B 62 -5.73 -16.08 15.84
CA MET B 62 -4.48 -15.85 15.11
C MET B 62 -3.53 -14.89 15.83
N ASN B 63 -3.01 -15.30 16.98
CA ASN B 63 -2.04 -14.47 17.69
C ASN B 63 -0.76 -15.27 17.73
N TYR B 64 0.33 -14.64 18.16
CA TYR B 64 1.59 -15.36 18.15
C TYR B 64 1.80 -16.45 19.20
N PRO B 65 1.22 -16.30 20.40
CA PRO B 65 1.43 -17.40 21.35
C PRO B 65 0.79 -18.67 20.76
N ALA B 66 -0.34 -18.49 20.06
CA ALA B 66 -1.03 -19.63 19.45
C ALA B 66 -0.21 -20.27 18.35
N MET B 67 0.36 -19.45 17.47
CA MET B 67 1.18 -19.96 16.38
C MET B 67 2.46 -20.60 16.93
N ALA B 68 2.99 -20.05 18.02
CA ALA B 68 4.18 -20.60 18.62
C ALA B 68 3.87 -21.96 19.24
N GLN B 69 2.71 -22.06 19.89
CA GLN B 69 2.32 -23.33 20.52
C GLN B 69 2.11 -24.39 19.44
N ASP B 70 1.66 -23.96 18.25
CA ASP B 70 1.45 -24.91 17.16
C ASP B 70 2.80 -25.54 16.80
N LEU B 71 3.85 -24.73 16.83
CA LEU B 71 5.18 -25.23 16.51
C LEU B 71 5.62 -26.25 17.55
N VAL B 72 5.34 -25.95 18.81
CA VAL B 72 5.69 -26.85 19.91
C VAL B 72 4.93 -28.17 19.71
N ASP B 73 3.62 -28.06 19.51
CA ASP B 73 2.79 -29.25 19.30
C ASP B 73 3.32 -30.08 18.14
N THR B 74 3.77 -29.39 17.10
CA THR B 74 4.30 -30.08 15.93
C THR B 74 5.62 -30.78 16.23
N LEU B 75 6.50 -30.13 16.98
CA LEU B 75 7.78 -30.74 17.35
C LEU B 75 7.54 -31.95 18.24
N ASP B 76 6.59 -31.84 19.17
CA ASP B 76 6.28 -32.94 20.07
C ASP B 76 5.81 -34.14 19.26
N ALA B 77 4.95 -33.88 18.27
CA ALA B 77 4.43 -34.96 17.43
C ALA B 77 5.53 -35.66 16.66
N GLN B 78 6.54 -34.90 16.25
CA GLN B 78 7.66 -35.45 15.48
C GLN B 78 8.76 -35.93 16.41
N GLN B 79 8.56 -35.77 17.70
CA GLN B 79 9.54 -36.19 18.69
C GLN B 79 10.89 -35.51 18.46
N ILE B 80 10.84 -34.21 18.15
CA ILE B 80 12.05 -33.42 17.93
C ILE B 80 12.26 -32.58 19.18
N ASP B 81 13.40 -32.77 19.85
CA ASP B 81 13.69 -32.02 21.07
C ASP B 81 13.98 -30.54 20.82
N LYS B 82 14.80 -30.24 19.83
CA LYS B 82 15.12 -28.87 19.52
C LYS B 82 15.38 -28.69 18.03
N ALA B 83 15.10 -27.51 17.52
CA ALA B 83 15.29 -27.24 16.11
C ALA B 83 15.66 -25.79 15.85
N THR B 84 16.20 -25.55 14.66
CA THR B 84 16.56 -24.20 14.22
C THR B 84 15.32 -23.73 13.47
N PHE B 85 14.89 -22.50 13.71
CA PHE B 85 13.70 -21.97 13.06
C PHE B 85 14.00 -20.81 12.12
N ILE B 86 13.42 -20.87 10.93
CA ILE B 86 13.57 -19.82 9.93
C ILE B 86 12.17 -19.38 9.53
N GLY B 87 11.82 -18.14 9.86
CA GLY B 87 10.49 -17.67 9.52
C GLY B 87 10.46 -16.36 8.75
N HIS B 88 9.53 -16.27 7.81
CA HIS B 88 9.38 -15.05 7.02
C HIS B 88 8.16 -14.28 7.49
N SER B 89 8.36 -12.99 7.80
CA SER B 89 7.28 -12.10 8.23
C SER B 89 6.44 -12.68 9.37
N MET B 90 5.16 -12.94 9.12
CA MET B 90 4.29 -13.51 10.15
C MET B 90 4.94 -14.76 10.75
N GLY B 91 5.58 -15.56 9.89
CA GLY B 91 6.24 -16.77 10.35
C GLY B 91 7.43 -16.42 11.23
N GLY B 92 8.05 -15.28 10.93
CA GLY B 92 9.18 -14.82 11.73
C GLY B 92 8.69 -14.38 13.10
N LYS B 93 7.52 -13.76 13.14
CA LYS B 93 6.97 -13.33 14.42
C LYS B 93 6.58 -14.55 15.24
N ALA B 94 6.10 -15.59 14.57
CA ALA B 94 5.72 -16.82 15.27
C ALA B 94 6.95 -17.46 15.91
N VAL B 95 8.04 -17.52 15.15
CA VAL B 95 9.28 -18.10 15.64
C VAL B 95 9.89 -17.24 16.76
N MET B 96 9.78 -15.93 16.64
CA MET B 96 10.32 -15.07 17.68
C MET B 96 9.51 -15.28 18.95
N ALA B 97 8.19 -15.44 18.79
CA ALA B 97 7.32 -15.65 19.95
C ALA B 97 7.66 -16.98 20.63
N LEU B 98 8.14 -17.94 19.84
CA LEU B 98 8.48 -19.24 20.37
C LEU B 98 9.64 -19.15 21.38
N THR B 99 10.53 -18.18 21.20
CA THR B 99 11.66 -18.07 22.13
C THR B 99 11.17 -17.82 23.57
N ALA B 100 10.04 -17.12 23.69
CA ALA B 100 9.48 -16.83 25.01
C ALA B 100 8.69 -18.01 25.55
N LEU B 101 7.90 -18.64 24.68
CA LEU B 101 7.06 -19.78 25.07
C LEU B 101 7.84 -21.04 25.43
N ALA B 102 8.80 -21.43 24.60
CA ALA B 102 9.58 -22.63 24.84
C ALA B 102 11.01 -22.49 24.34
N PRO B 103 11.82 -21.67 25.02
CA PRO B 103 13.21 -21.46 24.62
C PRO B 103 14.07 -22.72 24.48
N ASP B 104 13.77 -23.76 25.26
CA ASP B 104 14.54 -24.99 25.20
C ASP B 104 14.29 -25.81 23.93
N ARG B 105 13.29 -25.41 23.13
CA ARG B 105 12.97 -26.13 21.91
C ARG B 105 13.60 -25.50 20.67
N ILE B 106 14.29 -24.38 20.85
CA ILE B 106 14.90 -23.70 19.72
C ILE B 106 16.43 -23.54 19.83
N ASP B 107 17.11 -23.84 18.72
CA ASP B 107 18.55 -23.77 18.61
C ASP B 107 18.95 -22.38 18.11
N LYS B 108 18.86 -22.21 16.79
CA LYS B 108 19.18 -20.93 16.16
C LYS B 108 17.90 -20.35 15.58
N LEU B 109 17.91 -19.05 15.29
CA LEU B 109 16.73 -18.37 14.78
C LEU B 109 17.03 -17.36 13.69
N VAL B 110 16.25 -17.43 12.62
CA VAL B 110 16.37 -16.52 11.48
C VAL B 110 15.01 -15.90 11.20
N ALA B 111 14.95 -14.58 11.18
CA ALA B 111 13.70 -13.87 10.91
C ALA B 111 13.89 -13.06 9.63
N ILE B 112 13.11 -13.38 8.60
CA ILE B 112 13.23 -12.69 7.32
C ILE B 112 12.27 -11.51 7.18
N ASP B 113 12.86 -10.33 6.93
CA ASP B 113 12.17 -9.04 6.78
C ASP B 113 10.97 -8.87 7.70
N ILE B 114 11.27 -8.82 9.00
CA ILE B 114 10.25 -8.65 10.02
C ILE B 114 10.92 -8.20 11.32
N ALA B 115 10.19 -7.42 12.12
CA ALA B 115 10.70 -6.96 13.41
C ALA B 115 9.64 -7.29 14.46
N PRO B 116 10.06 -7.54 15.70
CA PRO B 116 9.10 -7.86 16.76
C PRO B 116 8.42 -6.59 17.27
N VAL B 117 7.55 -6.03 16.44
CA VAL B 117 6.84 -4.80 16.78
C VAL B 117 5.43 -4.81 16.20
N ASP B 118 4.58 -3.95 16.77
CA ASP B 118 3.21 -3.79 16.31
C ASP B 118 3.32 -2.64 15.30
N TYR B 119 3.11 -2.94 14.02
CA TYR B 119 3.24 -1.92 12.98
C TYR B 119 2.14 -0.86 12.97
N HIS B 120 1.05 -1.11 13.71
CA HIS B 120 -0.05 -0.16 13.82
C HIS B 120 -0.58 0.45 12.52
N VAL B 121 -0.73 -0.38 11.49
CA VAL B 121 -1.26 0.11 10.21
C VAL B 121 -1.98 -1.01 9.48
N ARG B 122 -2.75 -0.66 8.46
CA ARG B 122 -3.42 -1.66 7.63
C ARG B 122 -2.62 -1.60 6.34
N ARG B 123 -2.06 -2.72 5.93
CA ARG B 123 -1.24 -2.80 4.73
C ARG B 123 -1.76 -3.78 3.70
N HIS B 124 -2.91 -4.41 3.95
CA HIS B 124 -3.41 -5.41 3.01
C HIS B 124 -4.86 -5.26 2.59
N ASP B 125 -5.46 -4.08 2.77
CA ASP B 125 -6.86 -3.91 2.38
C ASP B 125 -7.11 -4.18 0.90
N GLU B 126 -6.22 -3.72 0.03
CA GLU B 126 -6.40 -3.94 -1.40
C GLU B 126 -6.24 -5.41 -1.75
N ILE B 127 -5.35 -6.09 -1.02
CA ILE B 127 -5.14 -7.52 -1.23
C ILE B 127 -6.41 -8.28 -0.82
N PHE B 128 -6.97 -7.93 0.34
CA PHE B 128 -8.19 -8.58 0.80
C PHE B 128 -9.31 -8.30 -0.22
N ALA B 129 -9.34 -7.08 -0.75
CA ALA B 129 -10.37 -6.71 -1.73
C ALA B 129 -10.24 -7.58 -2.98
N ALA B 130 -9.00 -7.79 -3.42
CA ALA B 130 -8.72 -8.60 -4.60
C ALA B 130 -9.16 -10.04 -4.36
N ILE B 131 -8.76 -10.59 -3.21
CA ILE B 131 -9.10 -11.95 -2.83
C ILE B 131 -10.61 -12.15 -2.81
N ASN B 132 -11.32 -11.17 -2.24
CA ASN B 132 -12.77 -11.25 -2.15
C ASN B 132 -13.43 -11.13 -3.52
N ALA B 133 -12.87 -10.29 -4.38
CA ALA B 133 -13.41 -10.10 -5.73
C ALA B 133 -13.32 -11.42 -6.49
N VAL B 134 -12.22 -12.14 -6.31
CA VAL B 134 -12.04 -13.42 -6.99
C VAL B 134 -13.11 -14.39 -6.52
N SER B 135 -13.30 -14.47 -5.20
CA SER B 135 -14.29 -15.38 -4.62
C SER B 135 -15.70 -15.07 -5.12
N GLU B 136 -16.08 -13.80 -5.12
CA GLU B 136 -17.40 -13.41 -5.56
C GLU B 136 -17.65 -13.63 -7.05
N SER B 137 -16.58 -13.57 -7.84
CA SER B 137 -16.69 -13.77 -9.29
C SER B 137 -16.93 -15.24 -9.58
N ASP B 138 -16.87 -15.60 -10.86
CA ASP B 138 -17.07 -16.98 -11.27
C ASP B 138 -15.75 -17.59 -11.74
N ALA B 139 -14.65 -16.95 -11.37
CA ALA B 139 -13.32 -17.44 -11.74
C ALA B 139 -13.08 -18.82 -11.14
N GLN B 140 -12.48 -19.71 -11.94
CA GLN B 140 -12.18 -21.06 -11.50
C GLN B 140 -10.70 -21.36 -11.62
N THR B 141 -10.09 -20.84 -12.68
CA THR B 141 -8.67 -21.04 -12.93
C THR B 141 -7.85 -19.87 -12.40
N ARG B 142 -6.55 -20.09 -12.23
CA ARG B 142 -5.67 -19.03 -11.75
C ARG B 142 -5.62 -17.91 -12.78
N GLN B 143 -5.65 -18.29 -14.06
CA GLN B 143 -5.62 -17.34 -15.15
C GLN B 143 -6.76 -16.34 -14.98
N GLN B 144 -7.96 -16.88 -14.79
CA GLN B 144 -9.16 -16.06 -14.60
C GLN B 144 -9.07 -15.26 -13.31
N ALA B 145 -8.48 -15.86 -12.28
CA ALA B 145 -8.34 -15.17 -10.99
C ALA B 145 -7.36 -14.01 -11.13
N ALA B 146 -6.26 -14.25 -11.83
CA ALA B 146 -5.22 -13.24 -12.03
C ALA B 146 -5.82 -12.00 -12.71
N ALA B 147 -6.67 -12.23 -13.71
CA ALA B 147 -7.29 -11.12 -14.43
C ALA B 147 -8.07 -10.20 -13.50
N ILE B 148 -8.78 -10.80 -12.53
CA ILE B 148 -9.56 -10.04 -11.57
C ILE B 148 -8.65 -9.32 -10.58
N MET B 149 -7.64 -10.02 -10.09
CA MET B 149 -6.71 -9.44 -9.13
C MET B 149 -5.94 -8.25 -9.69
N ARG B 150 -5.67 -8.26 -11.00
CA ARG B 150 -4.93 -7.17 -11.62
C ARG B 150 -5.77 -5.89 -11.65
N GLN B 151 -7.05 -6.01 -11.32
CA GLN B 151 -7.93 -4.85 -11.29
C GLN B 151 -7.83 -4.16 -9.93
N HIS B 152 -7.19 -4.83 -8.97
CA HIS B 152 -7.02 -4.30 -7.62
C HIS B 152 -5.56 -4.08 -7.25
N LEU B 153 -4.69 -4.92 -7.79
CA LEU B 153 -3.26 -4.85 -7.49
C LEU B 153 -2.42 -4.65 -8.73
N ASN B 154 -1.30 -3.95 -8.59
CA ASN B 154 -0.43 -3.72 -9.72
C ASN B 154 0.99 -4.25 -9.54
N GLU B 155 1.15 -5.16 -8.57
CA GLU B 155 2.44 -5.79 -8.33
C GLU B 155 2.26 -7.25 -8.73
N GLU B 156 2.66 -7.58 -9.95
CA GLU B 156 2.53 -8.94 -10.49
C GLU B 156 3.11 -10.01 -9.57
N GLY B 157 4.24 -9.70 -8.92
CA GLY B 157 4.85 -10.66 -8.02
C GLY B 157 3.96 -11.05 -6.86
N VAL B 158 3.26 -10.05 -6.30
CA VAL B 158 2.36 -10.32 -5.18
C VAL B 158 1.16 -11.12 -5.65
N ILE B 159 0.67 -10.79 -6.83
CA ILE B 159 -0.48 -11.50 -7.40
C ILE B 159 -0.15 -12.98 -7.57
N GLN B 160 1.00 -13.27 -8.17
CA GLN B 160 1.41 -14.65 -8.40
C GLN B 160 1.66 -15.38 -7.09
N PHE B 161 2.18 -14.69 -6.10
CA PHE B 161 2.43 -15.28 -4.79
C PHE B 161 1.09 -15.71 -4.20
N LEU B 162 0.12 -14.81 -4.22
CA LEU B 162 -1.20 -15.10 -3.67
C LEU B 162 -1.85 -16.27 -4.41
N LEU B 163 -1.72 -16.27 -5.74
CA LEU B 163 -2.32 -17.33 -6.54
C LEU B 163 -1.79 -18.73 -6.28
N LYS B 164 -0.63 -18.84 -5.63
CA LYS B 164 -0.09 -20.15 -5.32
C LYS B 164 -1.08 -20.85 -4.40
N SER B 165 -1.92 -20.05 -3.71
CA SER B 165 -2.92 -20.59 -2.80
C SER B 165 -4.33 -20.68 -3.41
N PHE B 166 -4.46 -20.38 -4.70
CA PHE B 166 -5.75 -20.47 -5.36
C PHE B 166 -5.71 -21.79 -6.12
N VAL B 167 -6.36 -22.81 -5.55
CA VAL B 167 -6.37 -24.13 -6.14
C VAL B 167 -7.80 -24.65 -6.26
N ASP B 168 -8.14 -25.19 -7.42
CA ASP B 168 -9.47 -25.71 -7.65
C ASP B 168 -10.54 -24.66 -7.39
N GLY B 169 -10.24 -23.42 -7.79
CA GLY B 169 -11.18 -22.34 -7.60
C GLY B 169 -11.49 -21.92 -6.16
N GLU B 170 -10.63 -22.27 -5.23
CA GLU B 170 -10.83 -21.90 -3.83
C GLU B 170 -9.51 -21.46 -3.18
N TRP B 171 -9.59 -20.52 -2.25
CA TRP B 171 -8.39 -20.06 -1.56
C TRP B 171 -8.02 -21.07 -0.48
N ARG B 172 -6.75 -21.43 -0.41
CA ARG B 172 -6.29 -22.39 0.59
C ARG B 172 -6.31 -21.79 1.99
N PHE B 173 -6.06 -20.49 2.10
CA PHE B 173 -6.08 -19.83 3.40
C PHE B 173 -7.50 -19.43 3.83
N ASN B 174 -7.70 -19.30 5.14
CA ASN B 174 -8.98 -18.95 5.75
C ASN B 174 -9.17 -17.43 5.74
N VAL B 175 -9.73 -16.92 4.65
CA VAL B 175 -9.92 -15.47 4.53
C VAL B 175 -10.66 -14.76 5.66
N PRO B 176 -11.84 -15.26 6.06
CA PRO B 176 -12.60 -14.62 7.14
C PRO B 176 -11.81 -14.45 8.44
N VAL B 177 -11.02 -15.46 8.79
CA VAL B 177 -10.24 -15.42 10.02
C VAL B 177 -9.03 -14.48 9.87
N LEU B 178 -8.38 -14.52 8.71
CA LEU B 178 -7.23 -13.66 8.51
C LEU B 178 -7.68 -12.19 8.56
N TRP B 179 -8.88 -11.92 8.05
CA TRP B 179 -9.41 -10.55 8.08
C TRP B 179 -9.76 -10.16 9.52
N ASP B 180 -10.53 -11.00 10.18
CA ASP B 180 -10.96 -10.72 11.56
C ASP B 180 -9.79 -10.54 12.52
N GLN B 181 -8.76 -11.37 12.36
CA GLN B 181 -7.59 -11.35 13.25
C GLN B 181 -6.43 -10.49 12.76
N TYR B 182 -6.60 -9.82 11.62
CA TYR B 182 -5.54 -8.99 11.05
C TYR B 182 -4.80 -8.09 12.05
N PRO B 183 -5.53 -7.36 12.91
CA PRO B 183 -4.87 -6.49 13.89
C PRO B 183 -3.83 -7.22 14.73
N HIS B 184 -4.11 -8.48 15.05
CA HIS B 184 -3.19 -9.28 15.87
C HIS B 184 -2.01 -9.78 15.04
N ILE B 185 -2.23 -9.96 13.74
CA ILE B 185 -1.16 -10.43 12.85
C ILE B 185 -0.14 -9.32 12.59
N VAL B 186 -0.60 -8.10 12.36
CA VAL B 186 0.31 -6.97 12.14
C VAL B 186 0.80 -6.50 13.50
N GLY B 187 0.06 -6.88 14.54
CA GLY B 187 0.38 -6.51 15.91
C GLY B 187 1.47 -7.35 16.55
N TRP B 188 1.64 -7.16 17.87
CA TRP B 188 2.67 -7.88 18.60
C TRP B 188 2.55 -7.68 20.10
N GLU B 189 3.01 -8.67 20.85
CA GLU B 189 3.02 -8.58 22.31
C GLU B 189 4.50 -8.70 22.67
N LYS B 190 5.04 -7.67 23.31
CA LYS B 190 6.45 -7.67 23.69
C LYS B 190 6.80 -8.89 24.52
N ILE B 191 7.97 -9.45 24.25
CA ILE B 191 8.45 -10.64 24.95
C ILE B 191 9.77 -10.38 25.67
N PRO B 192 10.14 -11.27 26.61
CA PRO B 192 11.40 -11.12 27.36
C PRO B 192 12.55 -11.27 26.38
N ALA B 193 13.72 -10.78 26.75
CA ALA B 193 14.88 -10.89 25.88
C ALA B 193 15.34 -12.33 25.70
N TRP B 194 15.77 -12.66 24.49
CA TRP B 194 16.28 -13.99 24.19
C TRP B 194 17.78 -13.74 24.09
N ASP B 195 18.54 -14.26 25.03
CA ASP B 195 19.98 -14.03 25.07
C ASP B 195 20.83 -14.98 24.23
N HIS B 196 20.51 -15.05 22.93
CA HIS B 196 21.24 -15.92 22.02
C HIS B 196 21.33 -15.23 20.66
N PRO B 197 22.39 -15.53 19.88
CA PRO B 197 22.53 -14.91 18.57
C PRO B 197 21.31 -15.19 17.70
N ALA B 198 20.82 -14.17 17.04
CA ALA B 198 19.65 -14.30 16.17
C ALA B 198 19.92 -13.55 14.89
N LEU B 199 19.54 -14.12 13.75
CA LEU B 199 19.78 -13.46 12.47
C LEU B 199 18.53 -12.85 11.87
N PHE B 200 18.62 -11.57 11.53
CA PHE B 200 17.53 -10.86 10.89
C PHE B 200 17.98 -10.49 9.48
N ILE B 201 17.16 -10.83 8.48
CA ILE B 201 17.50 -10.54 7.10
C ILE B 201 16.48 -9.58 6.47
N PRO B 202 16.75 -8.28 6.58
CA PRO B 202 15.84 -7.26 6.01
C PRO B 202 16.03 -7.05 4.51
N GLY B 203 14.98 -6.59 3.86
CA GLY B 203 15.06 -6.28 2.44
C GLY B 203 15.40 -4.80 2.38
N GLY B 204 16.42 -4.46 1.62
CA GLY B 204 16.85 -3.08 1.51
C GLY B 204 15.77 -2.10 1.07
N ASN B 205 14.79 -2.60 0.31
CA ASN B 205 13.70 -1.76 -0.17
C ASN B 205 12.39 -2.03 0.56
N SER B 206 12.49 -2.40 1.84
CA SER B 206 11.31 -2.68 2.65
C SER B 206 11.37 -1.93 3.97
N PRO B 207 10.21 -1.49 4.48
CA PRO B 207 10.16 -0.75 5.74
C PRO B 207 9.93 -1.63 6.97
N TYR B 208 9.87 -2.95 6.78
CA TYR B 208 9.63 -3.85 7.90
C TYR B 208 10.67 -3.84 9.01
N VAL B 209 11.92 -3.58 8.67
CA VAL B 209 12.98 -3.57 9.69
C VAL B 209 13.80 -2.29 9.63
N SER B 210 13.11 -1.16 9.52
CA SER B 210 13.76 0.13 9.46
C SER B 210 14.30 0.54 10.83
N GLU B 211 15.12 1.60 10.83
CA GLU B 211 15.76 2.11 12.03
C GLU B 211 14.80 2.43 13.18
N GLN B 212 13.58 2.83 12.85
CA GLN B 212 12.60 3.18 13.86
C GLN B 212 12.20 2.02 14.76
N TYR B 213 12.51 0.79 14.34
CA TYR B 213 12.16 -0.38 15.13
C TYR B 213 13.37 -1.01 15.80
N ARG B 214 14.53 -0.42 15.59
CA ARG B 214 15.78 -0.95 16.13
C ARG B 214 15.79 -1.14 17.65
N ASP B 215 15.41 -0.11 18.39
CA ASP B 215 15.40 -0.23 19.85
C ASP B 215 14.48 -1.33 20.35
N ASP B 216 13.26 -1.37 19.83
CA ASP B 216 12.32 -2.40 20.24
C ASP B 216 12.82 -3.78 19.88
N LEU B 217 13.47 -3.89 18.73
CA LEU B 217 14.00 -5.19 18.29
C LEU B 217 15.12 -5.66 19.21
N LEU B 218 16.08 -4.79 19.50
CA LEU B 218 17.20 -5.17 20.36
C LEU B 218 16.80 -5.39 21.81
N ALA B 219 15.68 -4.83 22.23
CA ALA B 219 15.23 -5.01 23.60
C ALA B 219 14.80 -6.46 23.80
N GLN B 220 14.36 -7.10 22.72
CA GLN B 220 13.90 -8.48 22.77
C GLN B 220 14.92 -9.46 22.19
N PHE B 221 15.71 -8.99 21.23
CA PHE B 221 16.75 -9.81 20.62
C PHE B 221 18.03 -8.98 20.65
N PRO B 222 18.63 -8.85 21.85
CA PRO B 222 19.86 -8.10 22.08
C PRO B 222 21.11 -8.56 21.33
N GLN B 223 21.13 -9.83 20.92
CA GLN B 223 22.27 -10.36 20.17
C GLN B 223 21.88 -10.54 18.71
N ALA B 224 20.96 -9.70 18.26
CA ALA B 224 20.50 -9.74 16.89
C ALA B 224 21.59 -9.26 15.94
N ARG B 225 21.71 -9.94 14.81
CA ARG B 225 22.67 -9.59 13.78
C ARG B 225 21.81 -9.26 12.55
N ALA B 226 22.03 -8.10 11.94
CA ALA B 226 21.27 -7.71 10.77
C ALA B 226 22.10 -7.87 9.51
N HIS B 227 21.48 -8.44 8.48
CA HIS B 227 22.14 -8.65 7.20
C HIS B 227 21.13 -8.20 6.14
N VAL B 228 21.22 -6.92 5.78
CA VAL B 228 20.31 -6.35 4.79
C VAL B 228 20.67 -6.74 3.37
N ILE B 229 19.67 -7.16 2.61
CA ILE B 229 19.88 -7.55 1.23
C ILE B 229 19.49 -6.35 0.35
N ALA B 230 20.49 -5.67 -0.20
CA ALA B 230 20.25 -4.51 -1.03
C ALA B 230 19.32 -4.76 -2.22
N GLY B 231 18.49 -3.77 -2.52
CA GLY B 231 17.57 -3.87 -3.65
C GLY B 231 16.55 -4.99 -3.57
N ALA B 232 16.13 -5.36 -2.38
CA ALA B 232 15.14 -6.42 -2.22
C ALA B 232 13.92 -5.95 -1.46
N GLY B 233 12.76 -6.48 -1.86
CA GLY B 233 11.53 -6.12 -1.19
C GLY B 233 11.23 -7.04 -0.01
N HIS B 234 9.97 -7.06 0.41
CA HIS B 234 9.55 -7.87 1.54
C HIS B 234 9.79 -9.37 1.40
N TRP B 235 9.54 -9.92 0.21
CA TRP B 235 9.74 -11.35 -0.03
C TRP B 235 11.17 -11.54 -0.51
N VAL B 236 12.11 -11.21 0.37
CA VAL B 236 13.55 -11.27 0.09
C VAL B 236 14.03 -12.60 -0.50
N HIS B 237 13.55 -13.71 0.06
CA HIS B 237 13.96 -15.02 -0.42
C HIS B 237 13.48 -15.33 -1.83
N ALA B 238 12.40 -14.68 -2.26
CA ALA B 238 11.87 -14.90 -3.60
C ALA B 238 12.65 -14.12 -4.65
N GLU B 239 13.18 -12.97 -4.26
CA GLU B 239 13.94 -12.11 -5.16
C GLU B 239 15.42 -12.45 -5.22
N LYS B 240 16.01 -12.71 -4.05
CA LYS B 240 17.44 -13.03 -3.98
C LYS B 240 17.73 -14.18 -3.01
N PRO B 241 17.27 -15.39 -3.36
CA PRO B 241 17.47 -16.58 -2.54
C PRO B 241 18.93 -16.89 -2.21
N ASP B 242 19.83 -16.68 -3.16
CA ASP B 242 21.25 -16.95 -2.91
C ASP B 242 21.82 -16.02 -1.84
N ALA B 243 21.49 -14.73 -1.94
CA ALA B 243 21.97 -13.76 -0.98
C ALA B 243 21.44 -14.12 0.41
N VAL B 244 20.19 -14.55 0.47
CA VAL B 244 19.59 -14.94 1.75
C VAL B 244 20.28 -16.18 2.29
N LEU B 245 20.54 -17.15 1.40
CA LEU B 245 21.20 -18.38 1.82
C LEU B 245 22.62 -18.12 2.31
N ARG B 246 23.29 -17.16 1.69
CA ARG B 246 24.65 -16.82 2.12
C ARG B 246 24.60 -16.32 3.56
N ALA B 247 23.62 -15.48 3.86
CA ALA B 247 23.46 -14.93 5.20
C ALA B 247 23.11 -16.05 6.19
N ILE B 248 22.15 -16.90 5.82
CA ILE B 248 21.74 -18.00 6.67
C ILE B 248 22.89 -18.94 7.02
N ARG B 249 23.63 -19.40 6.02
CA ARG B 249 24.74 -20.32 6.28
C ARG B 249 25.87 -19.71 7.10
N ARG B 250 26.12 -18.42 6.92
CA ARG B 250 27.17 -17.75 7.68
C ARG B 250 26.79 -17.84 9.15
N TYR B 251 25.51 -17.60 9.41
CA TYR B 251 24.95 -17.64 10.76
C TYR B 251 24.95 -19.06 11.34
N LEU B 252 24.55 -20.03 10.52
CA LEU B 252 24.49 -21.42 10.96
C LEU B 252 25.88 -21.99 11.24
N ASN B 253 26.87 -21.57 10.46
CA ASN B 253 28.24 -22.05 10.63
C ASN B 253 28.86 -21.55 11.93
N ASP B 254 28.37 -20.42 12.44
CA ASP B 254 28.91 -19.86 13.67
C ASP B 254 28.86 -20.82 14.85
C1 MLA C . -7.95 6.83 -1.97
O1A MLA C . -8.91 6.24 -2.68
O1B MLA C . -7.05 6.16 -1.55
C2 MLA C . -8.04 8.33 -1.71
C3 MLA C . -7.03 9.25 -2.37
O3A MLA C . -6.15 8.85 -3.10
O3B MLA C . -7.14 10.56 -2.14
C1 MLA D . 2.11 -6.55 8.23
O1A MLA D . 3.03 -6.12 9.09
O1B MLA D . 1.74 -5.81 7.36
C2 MLA D . 1.56 -7.96 8.38
C3 MLA D . 2.24 -9.08 7.59
O3A MLA D . 2.16 -10.24 7.91
O3B MLA D . 2.96 -8.74 6.52
#